data_1DLK
#
_entry.id   1DLK
#
_cell.length_a   121.170
_cell.length_b   121.170
_cell.length_c   116.080
_cell.angle_alpha   90.00
_cell.angle_beta   90.00
_cell.angle_gamma   90.00
#
_symmetry.space_group_name_H-M   'P 41 21 2'
#
loop_
_entity.id
_entity.type
_entity.pdbx_description
1 polymer 'Thrombin light chain'
2 polymer 'Thrombin heavy chain'
3 polymer 'peptidic inhibitor'
4 non-polymer 'CHLORIDE ION'
5 water water
#
loop_
_entity_poly.entity_id
_entity_poly.type
_entity_poly.pdbx_seq_one_letter_code
_entity_poly.pdbx_strand_id
1 'polypeptide(L)' CGVPAIQPVLSGL A,C
2 'polypeptide(L)'
;IVNGEEAVPGSWPWQVSLQDKTGFHFCGGSLINENWVVTAAHCGVTTSDVVVAGEFDQGSSSEKIQKLKIAKVFKNSKYN
SLTINNDITLLKLSTAASFSQTVSAVCLPSASDDFAAGTTCVTTGWGLTRYTNANTPDRLQQASLPLLSNTNCKKYWGTK
IKDAMICAGASGVSSCMGDSGGPLVCKKNGAWTLVGIVSWGSSTCSTSTPGVYARVTALVNWVQQTLAAN
;
B,D
3 'polypeptide(L)' (PHQ)GG(HPH)(0QE) E,F
#
# COMPACT_ATOMS: atom_id res chain seq x y z
N CYS A 1 -16.09 23.68 -18.92
CA CYS A 1 -15.54 23.66 -17.55
C CYS A 1 -14.57 24.81 -17.32
N GLY A 2 -14.39 25.23 -16.05
CA GLY A 2 -13.33 26.11 -15.64
C GLY A 2 -13.17 27.49 -16.20
N VAL A 3 -14.26 28.03 -16.75
CA VAL A 3 -14.23 29.39 -17.32
C VAL A 3 -15.52 30.02 -16.80
N PRO A 4 -15.43 30.82 -15.76
CA PRO A 4 -16.57 31.41 -15.12
C PRO A 4 -17.24 32.43 -16.04
N ALA A 5 -18.55 32.50 -15.95
CA ALA A 5 -19.32 33.54 -16.64
C ALA A 5 -19.02 34.85 -15.93
N ILE A 6 -18.84 34.89 -14.62
CA ILE A 6 -18.50 36.10 -13.91
C ILE A 6 -17.01 36.05 -13.58
N GLN A 7 -16.23 36.90 -14.21
CA GLN A 7 -14.79 36.92 -14.10
C GLN A 7 -14.26 37.22 -12.71
N PRO A 8 -13.40 36.35 -12.23
CA PRO A 8 -12.67 36.55 -10.99
C PRO A 8 -11.77 37.78 -11.12
N VAL A 9 -11.64 38.55 -10.07
CA VAL A 9 -10.76 39.68 -9.92
C VAL A 9 -9.83 39.43 -8.72
N LEU A 10 -8.56 39.20 -8.98
CA LEU A 10 -7.55 38.91 -7.98
C LEU A 10 -6.47 39.95 -7.83
N SER A 11 -5.90 40.13 -6.65
CA SER A 11 -4.78 41.04 -6.44
C SER A 11 -3.43 40.50 -6.91
N GLY A 12 -3.20 39.18 -6.93
CA GLY A 12 -1.93 38.62 -7.27
C GLY A 12 -1.54 38.05 -8.60
N LEU A 13 -2.35 38.16 -9.65
CA LEU A 13 -1.99 37.66 -10.97
C LEU A 13 -2.52 36.40 -10.99
N ILE B 1 -9.40 30.82 4.95
CA ILE B 1 -8.19 31.35 4.32
C ILE B 1 -7.67 32.56 5.12
N VAL B 2 -6.41 32.52 5.50
CA VAL B 2 -5.84 33.60 6.29
C VAL B 2 -5.20 34.64 5.35
N ASN B 3 -5.54 35.90 5.54
CA ASN B 3 -4.95 36.96 4.73
C ASN B 3 -5.39 36.90 3.26
N GLY B 4 -6.65 36.50 3.05
CA GLY B 4 -7.10 36.38 1.66
C GLY B 4 -7.98 37.63 1.44
N GLU B 5 -8.84 37.58 0.46
CA GLU B 5 -9.74 38.71 0.20
C GLU B 5 -11.08 38.19 -0.26
N GLU B 6 -12.13 39.01 -0.14
CA GLU B 6 -13.41 38.53 -0.59
C GLU B 6 -13.34 38.34 -2.12
N ALA B 7 -14.03 37.33 -2.59
CA ALA B 7 -14.14 37.04 -3.99
C ALA B 7 -15.30 37.90 -4.58
N VAL B 8 -15.27 37.99 -5.91
CA VAL B 8 -16.43 38.60 -6.58
C VAL B 8 -17.49 37.52 -6.51
N PRO B 9 -18.71 37.85 -6.20
CA PRO B 9 -19.81 36.90 -6.10
C PRO B 9 -19.99 36.19 -7.42
N GLY B 10 -20.11 34.87 -7.32
CA GLY B 10 -20.32 34.00 -8.47
C GLY B 10 -19.08 33.82 -9.31
N SER B 11 -17.93 34.40 -9.00
CA SER B 11 -16.77 34.22 -9.85
C SER B 11 -16.06 32.89 -9.70
N TRP B 12 -16.40 32.06 -8.69
CA TRP B 12 -15.83 30.69 -8.55
C TRP B 12 -16.97 29.72 -8.48
N PRO B 13 -17.65 29.53 -9.60
CA PRO B 13 -18.96 28.88 -9.73
C PRO B 13 -18.95 27.43 -9.36
N TRP B 14 -17.78 26.78 -9.41
CA TRP B 14 -17.74 25.38 -8.97
C TRP B 14 -17.58 25.29 -7.42
N GLN B 15 -17.26 26.34 -6.69
CA GLN B 15 -17.06 26.25 -5.24
C GLN B 15 -18.36 25.89 -4.53
N VAL B 16 -18.46 24.76 -3.83
CA VAL B 16 -19.60 24.42 -3.01
C VAL B 16 -19.19 24.44 -1.51
N SER B 17 -20.24 24.50 -0.66
CA SER B 17 -20.09 24.47 0.77
C SER B 17 -20.72 23.18 1.25
N LEU B 18 -20.02 22.45 2.14
CA LEU B 18 -20.62 21.22 2.67
C LEU B 18 -21.18 21.60 4.05
N GLN B 19 -22.42 21.36 4.34
CA GLN B 19 -22.98 21.87 5.61
C GLN B 19 -23.69 20.76 6.34
N ASP B 20 -23.84 20.82 7.67
CA ASP B 20 -24.65 19.67 8.18
C ASP B 20 -26.11 20.04 7.89
N LYS B 21 -27.01 19.24 8.43
CA LYS B 21 -28.43 19.49 8.21
C LYS B 21 -28.92 20.76 8.88
N THR B 22 -28.18 21.47 9.69
CA THR B 22 -28.58 22.72 10.27
C THR B 22 -28.01 23.91 9.51
N GLY B 23 -27.18 23.71 8.48
CA GLY B 23 -26.64 24.87 7.77
C GLY B 23 -25.28 25.27 8.29
N PHE B 24 -24.66 24.40 9.08
CA PHE B 24 -23.33 24.75 9.61
C PHE B 24 -22.30 24.27 8.58
N HIS B 25 -21.50 25.12 8.05
CA HIS B 25 -20.49 24.83 7.06
C HIS B 25 -19.28 24.14 7.72
N PHE B 26 -18.86 22.99 7.26
CA PHE B 26 -17.62 22.41 7.80
C PHE B 26 -16.53 22.15 6.77
N CYS B 27 -16.87 22.04 5.47
CA CYS B 27 -15.83 21.85 4.47
C CYS B 27 -16.23 22.47 3.12
N GLY B 28 -15.23 22.56 2.21
CA GLY B 28 -15.60 23.01 0.85
C GLY B 28 -15.64 21.80 -0.04
N GLY B 29 -15.83 22.05 -1.33
CA GLY B 29 -15.90 21.03 -2.37
C GLY B 29 -15.82 21.79 -3.76
N SER B 30 -15.69 20.96 -4.80
CA SER B 30 -15.78 21.45 -6.15
C SER B 30 -16.71 20.59 -7.00
N LEU B 31 -17.60 21.28 -7.74
CA LEU B 31 -18.37 20.56 -8.78
C LEU B 31 -17.47 20.22 -9.96
N ILE B 32 -17.51 18.99 -10.41
CA ILE B 32 -16.73 18.55 -11.55
C ILE B 32 -17.70 18.20 -12.69
N ASN B 33 -18.97 18.14 -12.36
CA ASN B 33 -20.05 17.96 -13.35
C ASN B 33 -21.37 18.21 -12.63
N GLU B 34 -22.51 17.99 -13.26
CA GLU B 34 -23.76 18.28 -12.62
C GLU B 34 -24.12 17.32 -11.47
N ASN B 35 -23.62 16.10 -11.49
CA ASN B 35 -23.99 15.10 -10.49
C ASN B 35 -22.93 14.78 -9.44
N TRP B 36 -21.72 15.33 -9.56
CA TRP B 36 -20.59 14.94 -8.73
C TRP B 36 -19.76 16.10 -8.21
N VAL B 37 -19.38 15.96 -6.91
CA VAL B 37 -18.58 16.96 -6.22
C VAL B 37 -17.28 16.28 -5.73
N VAL B 38 -16.15 16.95 -5.70
CA VAL B 38 -14.94 16.34 -5.22
C VAL B 38 -14.64 17.07 -3.90
N THR B 39 -14.19 16.33 -2.88
CA THR B 39 -13.82 17.05 -1.61
C THR B 39 -12.72 16.24 -0.92
N ALA B 40 -12.37 16.52 0.31
CA ALA B 40 -11.32 15.87 1.08
C ALA B 40 -11.92 14.74 1.90
N ALA B 41 -11.30 13.58 1.92
CA ALA B 41 -11.80 12.45 2.69
C ALA B 41 -11.82 12.75 4.21
N HIS B 42 -10.95 13.61 4.70
CA HIS B 42 -10.90 13.83 6.13
C HIS B 42 -12.09 14.68 6.61
N CYS B 43 -12.85 15.29 5.68
CA CYS B 43 -13.98 16.12 6.04
C CYS B 43 -15.03 15.21 6.69
N GLY B 44 -15.02 13.92 6.40
CA GLY B 44 -15.97 13.05 7.03
C GLY B 44 -17.44 13.21 6.62
N VAL B 45 -17.63 13.56 5.33
CA VAL B 45 -18.97 13.73 4.80
C VAL B 45 -19.81 12.50 4.86
N THR B 46 -21.10 12.68 5.26
CA THR B 46 -21.99 11.51 5.18
C THR B 46 -23.18 11.89 4.29
N THR B 47 -24.06 10.94 4.04
CA THR B 47 -25.29 11.17 3.31
C THR B 47 -26.33 11.99 4.05
N SER B 48 -26.10 12.50 5.23
CA SER B 48 -26.99 13.40 5.90
C SER B 48 -26.48 14.80 5.70
N ASP B 49 -25.22 14.96 5.21
CA ASP B 49 -24.76 16.34 5.00
C ASP B 49 -25.38 16.89 3.71
N VAL B 50 -25.28 18.17 3.40
CA VAL B 50 -25.87 18.69 2.19
C VAL B 50 -24.84 19.53 1.43
N VAL B 51 -24.99 19.54 0.10
CA VAL B 51 -24.05 20.36 -0.71
C VAL B 51 -24.70 21.68 -1.02
N VAL B 52 -24.06 22.81 -0.80
CA VAL B 52 -24.72 24.05 -1.16
C VAL B 52 -23.96 24.69 -2.33
N ALA B 53 -24.63 24.82 -3.46
CA ALA B 53 -24.02 25.43 -4.66
C ALA B 53 -24.59 26.81 -4.96
N GLY B 54 -23.75 27.70 -5.48
CA GLY B 54 -24.18 29.03 -5.83
C GLY B 54 -24.18 30.05 -4.74
N GLU B 55 -23.63 29.72 -3.58
CA GLU B 55 -23.60 30.65 -2.46
C GLU B 55 -22.38 31.54 -2.52
N PHE B 56 -22.58 32.73 -1.97
CA PHE B 56 -21.48 33.65 -1.82
C PHE B 56 -21.39 34.05 -0.33
N ASP B 57 -22.52 34.53 0.19
CA ASP B 57 -22.62 35.06 1.54
C ASP B 57 -23.51 34.14 2.36
N GLN B 58 -22.90 33.44 3.33
CA GLN B 58 -23.68 32.49 4.11
C GLN B 58 -24.55 33.19 5.13
N GLY B 59 -24.26 34.45 5.43
CA GLY B 59 -25.14 35.25 6.26
C GLY B 59 -26.26 35.92 5.46
N SER B 60 -26.36 35.71 4.14
CA SER B 60 -27.41 36.34 3.36
C SER B 60 -28.67 35.48 3.38
N SER B 61 -29.76 36.20 3.56
CA SER B 61 -31.14 35.77 3.64
C SER B 61 -31.57 35.21 2.28
N SER B 62 -31.29 36.06 1.31
CA SER B 62 -31.62 35.91 -0.08
C SER B 62 -30.38 35.83 -0.95
N GLU B 63 -30.28 34.72 -1.64
CA GLU B 63 -29.22 34.40 -2.60
C GLU B 63 -29.84 33.21 -3.34
N LYS B 64 -29.60 33.02 -4.63
CA LYS B 64 -30.25 31.83 -5.18
C LYS B 64 -29.24 30.67 -5.11
N ILE B 65 -29.40 29.88 -4.07
CA ILE B 65 -28.52 28.74 -3.80
C ILE B 65 -29.26 27.46 -4.07
N GLN B 66 -28.55 26.37 -4.32
CA GLN B 66 -29.14 25.08 -4.55
C GLN B 66 -28.57 24.19 -3.42
N LYS B 67 -29.49 23.57 -2.73
CA LYS B 67 -29.17 22.73 -1.58
C LYS B 67 -29.38 21.35 -2.13
N LEU B 68 -28.29 20.63 -2.32
CA LEU B 68 -28.43 19.35 -2.99
C LEU B 68 -28.17 18.25 -1.98
N LYS B 69 -28.87 17.14 -2.08
CA LYS B 69 -28.69 16.01 -1.24
C LYS B 69 -27.64 15.11 -1.86
N ILE B 70 -26.98 14.40 -0.95
CA ILE B 70 -25.94 13.47 -1.32
C ILE B 70 -26.51 12.07 -1.41
N ALA B 71 -26.30 11.40 -2.54
CA ALA B 71 -26.86 10.05 -2.61
C ALA B 71 -25.79 9.07 -2.14
N LYS B 72 -24.53 9.39 -2.42
CA LYS B 72 -23.52 8.32 -2.16
C LYS B 72 -22.18 8.98 -1.92
N VAL B 73 -21.40 8.39 -1.01
CA VAL B 73 -20.11 8.92 -0.62
C VAL B 73 -19.08 7.91 -1.08
N PHE B 74 -18.04 8.30 -1.79
CA PHE B 74 -17.00 7.40 -2.24
C PHE B 74 -15.68 7.92 -1.70
N LYS B 75 -15.22 7.35 -0.58
CA LYS B 75 -13.96 7.78 0.01
C LYS B 75 -12.88 6.95 -0.67
N ASN B 76 -11.76 7.57 -0.98
CA ASN B 76 -10.67 6.77 -1.56
C ASN B 76 -10.21 5.73 -0.52
N SER B 77 -10.08 4.48 -0.92
CA SER B 77 -9.73 3.38 -0.03
C SER B 77 -8.28 3.40 0.39
N LYS B 78 -7.41 4.24 -0.16
CA LYS B 78 -6.06 4.35 0.27
C LYS B 78 -5.95 5.56 1.17
N TYR B 79 -7.06 6.21 1.51
CA TYR B 79 -6.86 7.36 2.42
C TYR B 79 -6.35 6.79 3.79
N ASN B 80 -5.55 7.55 4.45
CA ASN B 80 -4.99 7.11 5.75
C ASN B 80 -5.06 8.34 6.62
N SER B 81 -5.73 8.21 7.76
CA SER B 81 -5.98 9.41 8.60
C SER B 81 -4.76 9.80 9.38
N LEU B 82 -3.70 8.98 9.47
CA LEU B 82 -2.52 9.49 10.20
C LEU B 82 -1.64 10.28 9.21
N THR B 83 -1.33 9.64 8.08
CA THR B 83 -0.46 10.37 7.10
C THR B 83 -1.24 11.42 6.34
N ILE B 84 -2.57 11.24 6.29
CA ILE B 84 -3.44 12.20 5.62
C ILE B 84 -3.07 12.17 4.11
N ASN B 85 -2.76 10.99 3.60
CA ASN B 85 -2.43 10.86 2.20
C ASN B 85 -3.66 10.40 1.46
N ASN B 86 -3.79 10.70 0.16
CA ASN B 86 -4.93 10.25 -0.62
C ASN B 86 -6.20 10.88 0.00
N ASP B 87 -6.08 12.13 0.35
CA ASP B 87 -7.20 12.80 1.02
C ASP B 87 -8.26 13.28 0.00
N ILE B 88 -9.05 12.33 -0.49
CA ILE B 88 -10.00 12.75 -1.51
C ILE B 88 -11.25 11.89 -1.37
N THR B 89 -12.37 12.57 -1.43
CA THR B 89 -13.67 11.89 -1.46
C THR B 89 -14.54 12.39 -2.60
N LEU B 90 -15.31 11.53 -3.26
CA LEU B 90 -16.25 11.96 -4.27
C LEU B 90 -17.69 11.83 -3.75
N LEU B 91 -18.51 12.82 -4.04
CA LEU B 91 -19.92 12.74 -3.63
C LEU B 91 -20.79 12.66 -4.89
N LYS B 92 -21.65 11.70 -4.98
CA LYS B 92 -22.63 11.61 -6.05
C LYS B 92 -23.91 12.24 -5.51
N LEU B 93 -24.47 13.26 -6.16
CA LEU B 93 -25.59 13.98 -5.70
C LEU B 93 -26.88 13.23 -6.02
N SER B 94 -27.90 13.34 -5.16
CA SER B 94 -29.13 12.60 -5.50
C SER B 94 -29.88 13.48 -6.51
N THR B 95 -29.78 14.79 -6.40
CA THR B 95 -30.36 15.64 -7.44
C THR B 95 -29.25 16.45 -8.13
N ALA B 96 -29.30 16.40 -9.45
CA ALA B 96 -28.35 17.12 -10.27
C ALA B 96 -28.37 18.61 -10.01
N ALA B 97 -27.20 19.25 -10.00
CA ALA B 97 -27.20 20.71 -9.88
C ALA B 97 -27.69 21.28 -11.26
N SER B 98 -28.18 22.50 -11.27
CA SER B 98 -28.56 23.19 -12.49
C SER B 98 -27.51 24.25 -12.78
N PHE B 99 -26.81 24.10 -13.88
CA PHE B 99 -25.73 25.05 -14.15
C PHE B 99 -26.34 26.37 -14.58
N SER B 100 -25.67 27.47 -14.38
CA SER B 100 -26.25 28.76 -14.64
C SER B 100 -25.03 29.65 -14.71
N GLN B 101 -25.17 30.94 -14.63
CA GLN B 101 -23.98 31.80 -14.62
C GLN B 101 -23.20 31.76 -13.30
N THR B 102 -23.79 31.26 -12.20
CA THR B 102 -23.05 31.23 -10.94
C THR B 102 -22.72 29.82 -10.46
N VAL B 103 -23.09 28.77 -11.16
CA VAL B 103 -22.93 27.36 -10.87
C VAL B 103 -22.49 26.58 -12.12
N SER B 104 -21.25 26.11 -12.10
CA SER B 104 -20.74 25.31 -13.21
C SER B 104 -19.50 24.52 -12.73
N ALA B 105 -18.92 23.67 -13.56
CA ALA B 105 -17.82 22.79 -13.17
C ALA B 105 -16.40 23.30 -13.30
N VAL B 106 -15.44 22.73 -12.55
CA VAL B 106 -14.04 23.11 -12.70
C VAL B 106 -13.47 22.13 -13.67
N CYS B 107 -12.35 22.33 -14.39
CA CYS B 107 -11.86 21.20 -15.21
C CYS B 107 -10.96 20.31 -14.31
N LEU B 108 -10.85 19.05 -14.60
CA LEU B 108 -9.89 18.13 -14.02
C LEU B 108 -8.69 18.06 -14.98
N PRO B 109 -7.51 17.82 -14.43
CA PRO B 109 -6.29 17.71 -15.23
C PRO B 109 -6.25 16.31 -15.76
N SER B 110 -5.26 16.05 -16.59
CA SER B 110 -5.00 14.67 -17.05
C SER B 110 -3.96 14.11 -16.08
N ALA B 111 -3.78 12.81 -15.97
CA ALA B 111 -2.74 12.31 -15.07
C ALA B 111 -1.34 12.77 -15.43
N SER B 112 -1.06 13.07 -16.70
CA SER B 112 0.26 13.53 -17.12
C SER B 112 0.46 15.03 -17.08
N ASP B 113 -0.57 15.81 -16.76
CA ASP B 113 -0.35 17.25 -16.73
C ASP B 113 0.78 17.60 -15.79
N ASP B 114 1.35 18.77 -15.97
CA ASP B 114 2.46 19.15 -15.08
C ASP B 114 2.29 20.62 -14.80
N PHE B 115 2.30 20.99 -13.54
CA PHE B 115 2.10 22.39 -13.14
C PHE B 115 3.40 22.74 -12.46
N ALA B 116 4.14 23.68 -12.99
CA ALA B 116 5.47 23.99 -12.46
C ALA B 116 5.49 24.70 -11.12
N ALA B 117 6.50 24.30 -10.32
CA ALA B 117 6.73 24.99 -9.03
C ALA B 117 6.87 26.48 -9.38
N GLY B 118 6.32 27.39 -8.62
CA GLY B 118 6.38 28.81 -8.95
C GLY B 118 5.12 29.33 -9.62
N THR B 119 4.32 28.52 -10.30
CA THR B 119 3.08 29.02 -10.89
C THR B 119 2.17 29.64 -9.85
N THR B 120 1.55 30.76 -10.16
CA THR B 120 0.60 31.44 -9.28
C THR B 120 -0.77 30.82 -9.53
N CYS B 121 -1.30 30.23 -8.44
CA CYS B 121 -2.57 29.53 -8.46
C CYS B 121 -3.49 30.19 -7.46
N VAL B 122 -4.71 29.68 -7.38
CA VAL B 122 -5.71 30.31 -6.52
C VAL B 122 -6.35 29.25 -5.62
N THR B 123 -6.70 29.68 -4.38
CA THR B 123 -7.47 28.71 -3.55
C THR B 123 -8.62 29.51 -2.96
N THR B 124 -9.79 28.95 -2.78
CA THR B 124 -10.93 29.64 -2.23
C THR B 124 -11.60 28.82 -1.12
N GLY B 125 -12.44 29.47 -0.34
CA GLY B 125 -13.25 28.79 0.64
C GLY B 125 -13.75 29.71 1.75
N TRP B 126 -14.59 29.15 2.62
CA TRP B 126 -15.08 29.82 3.79
C TRP B 126 -14.35 29.32 5.05
N GLY B 127 -13.07 28.99 4.97
CA GLY B 127 -12.35 28.51 6.15
C GLY B 127 -12.02 29.70 7.07
N LEU B 128 -11.48 29.41 8.27
CA LEU B 128 -11.15 30.50 9.17
C LEU B 128 -10.20 31.47 8.47
N THR B 129 -10.44 32.74 8.81
CA THR B 129 -9.57 33.84 8.40
C THR B 129 -8.47 34.12 9.44
N ARG B 130 -8.55 33.50 10.60
CA ARG B 130 -7.56 33.56 11.68
C ARG B 130 -7.70 32.31 12.54
N TYR B 131 -6.64 31.57 12.87
CA TYR B 131 -6.90 30.31 13.58
C TYR B 131 -7.57 30.50 14.94
N THR B 132 -7.42 31.65 15.58
CA THR B 132 -8.08 31.92 16.85
C THR B 132 -9.52 32.38 16.71
N ASN B 133 -10.00 32.61 15.48
CA ASN B 133 -11.39 33.04 15.30
C ASN B 133 -12.36 31.92 15.69
N ALA B 134 -13.53 32.40 16.16
CA ALA B 134 -14.58 31.50 16.61
C ALA B 134 -15.39 30.95 15.43
N ASN B 135 -15.65 31.82 14.45
CA ASN B 135 -16.51 31.40 13.36
C ASN B 135 -15.86 31.57 11.97
N THR B 136 -16.45 30.82 11.02
CA THR B 136 -15.98 30.98 9.64
C THR B 136 -16.59 32.25 9.08
N PRO B 137 -15.91 32.91 8.18
CA PRO B 137 -16.41 34.11 7.51
C PRO B 137 -17.71 33.81 6.78
N ASP B 138 -18.61 34.80 6.71
CA ASP B 138 -19.85 34.61 5.96
C ASP B 138 -19.59 34.64 4.44
N ARG B 139 -18.60 35.39 3.98
CA ARG B 139 -18.32 35.55 2.57
C ARG B 139 -17.08 34.86 2.03
N LEU B 140 -17.31 34.23 0.86
CA LEU B 140 -16.27 33.45 0.20
C LEU B 140 -15.00 34.27 0.09
N GLN B 141 -13.85 33.66 0.38
CA GLN B 141 -12.56 34.32 0.31
C GLN B 141 -11.71 33.67 -0.78
N GLN B 142 -10.65 34.35 -1.15
CA GLN B 142 -9.76 33.83 -2.18
C GLN B 142 -8.35 34.34 -1.87
N ALA B 143 -7.35 33.63 -2.36
CA ALA B 143 -5.99 34.10 -2.18
C ALA B 143 -5.25 33.54 -3.40
N SER B 144 -4.25 34.24 -3.89
CA SER B 144 -3.47 33.60 -4.98
C SER B 144 -2.19 33.14 -4.28
N LEU B 145 -1.58 32.06 -4.74
CA LEU B 145 -0.37 31.65 -4.03
C LEU B 145 0.39 30.73 -4.97
N PRO B 146 1.67 30.59 -4.71
CA PRO B 146 2.56 29.79 -5.50
C PRO B 146 2.55 28.32 -5.21
N LEU B 147 2.80 27.49 -6.18
CA LEU B 147 2.95 26.07 -5.97
C LEU B 147 4.39 25.86 -5.49
N LEU B 148 4.70 24.73 -4.87
CA LEU B 148 6.09 24.50 -4.50
C LEU B 148 6.45 23.12 -5.03
N SER B 149 7.74 22.88 -5.15
CA SER B 149 8.15 21.50 -5.55
C SER B 149 8.02 20.64 -4.28
N ASN B 150 7.90 19.35 -4.43
CA ASN B 150 7.82 18.47 -3.25
C ASN B 150 9.14 18.61 -2.50
N THR B 151 10.26 18.64 -3.23
CA THR B 151 11.58 18.84 -2.63
C THR B 151 11.67 20.10 -1.79
N ASN B 152 11.19 21.24 -2.23
CA ASN B 152 11.20 22.44 -1.38
C ASN B 152 10.20 22.31 -0.21
N CYS B 153 9.06 21.63 -0.50
CA CYS B 153 8.03 21.46 0.51
C CYS B 153 8.61 20.66 1.70
N LYS B 154 9.35 19.62 1.41
CA LYS B 154 10.01 18.77 2.37
C LYS B 154 10.98 19.53 3.25
N LYS B 155 11.46 20.70 2.83
CA LYS B 155 12.27 21.50 3.74
C LYS B 155 11.41 21.87 4.95
N TYR B 156 10.13 22.12 4.76
CA TYR B 156 9.30 22.51 5.86
C TYR B 156 8.62 21.34 6.57
N TRP B 157 8.27 20.28 5.87
CA TRP B 157 7.46 19.23 6.43
C TRP B 157 8.12 17.87 6.50
N GLY B 158 9.32 17.74 5.96
CA GLY B 158 10.01 16.45 6.02
C GLY B 158 9.33 15.37 5.24
N THR B 159 9.42 14.13 5.71
CA THR B 159 8.86 12.97 5.04
C THR B 159 7.35 12.83 5.13
N LYS B 160 6.67 13.79 5.71
CA LYS B 160 5.22 13.88 5.75
C LYS B 160 4.68 14.11 4.33
N ILE B 161 5.49 14.77 3.49
CA ILE B 161 5.08 15.04 2.10
C ILE B 161 5.12 13.80 1.24
N LYS B 162 3.98 13.28 0.80
CA LYS B 162 3.96 12.10 -0.06
C LYS B 162 3.77 12.46 -1.54
N ASP B 163 3.85 11.50 -2.44
CA ASP B 163 3.70 11.76 -3.86
C ASP B 163 2.27 12.18 -4.18
N ALA B 164 1.23 11.76 -3.42
CA ALA B 164 -0.11 12.25 -3.72
C ALA B 164 -0.44 13.57 -3.08
N MET B 165 0.54 14.39 -2.72
CA MET B 165 0.35 15.69 -2.13
C MET B 165 1.05 16.77 -2.95
N ILE B 166 0.63 18.01 -2.79
CA ILE B 166 1.34 19.08 -3.51
C ILE B 166 1.26 20.25 -2.57
N CYS B 167 2.23 21.10 -2.39
CA CYS B 167 2.17 22.18 -1.44
C CYS B 167 2.08 23.51 -2.15
N ALA B 168 1.60 24.50 -1.43
CA ALA B 168 1.48 25.82 -2.05
C ALA B 168 1.44 26.77 -0.87
N GLY B 169 1.75 28.02 -1.10
CA GLY B 169 1.62 29.03 -0.06
C GLY B 169 2.99 29.35 0.53
N ALA B 170 2.99 29.67 1.81
CA ALA B 170 4.14 30.09 2.59
C ALA B 170 4.49 31.47 2.04
N SER B 171 3.52 32.31 1.73
CA SER B 171 3.84 33.59 1.08
C SER B 171 2.98 34.71 1.58
N GLY B 172 2.45 34.53 2.79
CA GLY B 172 1.63 35.58 3.35
C GLY B 172 0.17 35.23 3.40
N VAL B 173 -0.18 34.03 2.90
CA VAL B 173 -1.57 33.62 2.98
C VAL B 173 -1.55 32.14 3.39
N SER B 174 -2.72 31.65 3.78
CA SER B 174 -2.81 30.24 4.08
C SER B 174 -4.24 29.71 4.09
N SER B 175 -4.35 28.49 3.54
CA SER B 175 -5.63 27.81 3.76
C SER B 175 -5.75 27.55 5.27
N CYS B 176 -6.94 27.30 5.80
CA CYS B 176 -7.07 27.11 7.26
C CYS B 176 -8.23 26.16 7.50
N MET B 177 -8.54 25.96 8.78
CA MET B 177 -9.71 25.19 9.19
C MET B 177 -11.01 25.38 8.44
N GLY B 178 -11.70 24.48 7.85
CA GLY B 178 -12.96 24.85 7.18
C GLY B 178 -12.73 25.06 5.64
N ASP B 179 -11.51 25.25 5.18
CA ASP B 179 -11.20 25.36 3.77
C ASP B 179 -11.08 23.99 3.09
N SER B 180 -10.85 22.94 3.93
CA SER B 180 -10.61 21.64 3.42
C SER B 180 -11.62 21.18 2.40
N GLY B 181 -11.09 20.40 1.43
CA GLY B 181 -12.04 19.91 0.43
C GLY B 181 -12.17 20.90 -0.73
N GLY B 182 -11.94 22.17 -0.53
CA GLY B 182 -12.03 23.19 -1.52
C GLY B 182 -10.90 23.08 -2.53
N PRO B 183 -10.97 23.96 -3.54
CA PRO B 183 -10.10 23.88 -4.71
C PRO B 183 -8.85 24.69 -4.59
N LEU B 184 -7.83 24.17 -5.24
CA LEU B 184 -6.58 24.92 -5.48
C LEU B 184 -6.57 24.86 -7.05
N VAL B 185 -6.82 26.02 -7.66
CA VAL B 185 -6.90 25.91 -9.15
C VAL B 185 -5.79 26.72 -9.80
N CYS B 186 -5.35 26.21 -10.94
CA CYS B 186 -4.34 26.96 -11.71
C CYS B 186 -4.91 27.07 -13.14
N LYS B 187 -4.57 28.16 -13.80
CA LYS B 187 -5.00 28.33 -15.20
C LYS B 187 -4.29 27.46 -16.20
N LYS B 188 -4.97 26.67 -16.99
CA LYS B 188 -4.36 25.91 -18.05
C LYS B 188 -5.16 26.09 -19.37
N ASN B 189 -4.55 26.74 -20.36
CA ASN B 189 -5.12 26.93 -21.68
C ASN B 189 -6.43 27.71 -21.61
N GLY B 190 -6.43 28.79 -20.87
CA GLY B 190 -7.64 29.55 -20.62
C GLY B 190 -8.65 29.04 -19.59
N ALA B 191 -8.54 27.81 -19.09
CA ALA B 191 -9.52 27.32 -18.12
C ALA B 191 -8.87 26.98 -16.75
N TRP B 192 -9.62 27.36 -15.70
CA TRP B 192 -9.14 27.02 -14.33
C TRP B 192 -9.21 25.51 -14.18
N THR B 193 -8.11 24.86 -13.81
CA THR B 193 -8.04 23.43 -13.66
C THR B 193 -7.71 23.04 -12.19
N LEU B 194 -8.28 21.94 -11.75
CA LEU B 194 -8.21 21.55 -10.33
C LEU B 194 -6.85 20.89 -10.09
N VAL B 195 -5.92 21.56 -9.50
CA VAL B 195 -4.58 20.91 -9.31
C VAL B 195 -4.47 20.35 -7.89
N GLY B 196 -5.15 20.98 -6.95
CA GLY B 196 -5.09 20.47 -5.54
C GLY B 196 -6.46 20.57 -4.85
N ILE B 197 -6.57 19.75 -3.78
CA ILE B 197 -7.74 19.74 -2.88
C ILE B 197 -7.24 20.17 -1.50
N VAL B 198 -7.73 21.22 -0.89
CA VAL B 198 -7.28 21.69 0.41
C VAL B 198 -7.30 20.51 1.42
N SER B 199 -6.13 20.21 1.97
CA SER B 199 -5.99 19.02 2.77
C SER B 199 -5.48 19.26 4.20
N TRP B 200 -4.25 19.73 4.40
CA TRP B 200 -3.83 19.88 5.80
C TRP B 200 -2.72 20.92 5.85
N GLY B 201 -2.32 21.22 7.08
CA GLY B 201 -1.28 22.21 7.32
C GLY B 201 -1.09 22.39 8.82
N SER B 202 -0.48 23.51 9.18
CA SER B 202 -0.23 23.70 10.61
C SER B 202 -1.53 24.13 11.26
N SER B 203 -1.77 23.71 12.50
CA SER B 203 -2.99 24.06 13.23
C SER B 203 -3.00 25.54 13.59
N THR B 204 -1.95 26.31 13.42
CA THR B 204 -1.99 27.76 13.55
C THR B 204 -2.26 28.43 12.18
N CYS B 205 -2.29 27.66 11.08
CA CYS B 205 -2.49 28.26 9.76
C CYS B 205 -1.47 29.36 9.53
N SER B 206 -0.22 29.16 9.93
CA SER B 206 0.89 30.08 9.74
C SER B 206 1.07 30.43 8.27
N THR B 207 1.26 31.70 7.93
CA THR B 207 1.37 32.16 6.56
C THR B 207 2.78 32.07 6.01
N SER B 208 3.69 31.55 6.82
CA SER B 208 5.07 31.41 6.39
C SER B 208 5.39 29.94 6.24
N THR B 209 4.38 29.10 6.38
CA THR B 209 4.46 27.65 6.23
C THR B 209 3.47 27.27 5.12
N PRO B 210 3.87 26.41 4.22
CA PRO B 210 3.09 25.95 3.12
C PRO B 210 1.90 25.05 3.51
N GLY B 211 0.77 25.26 2.85
CA GLY B 211 -0.41 24.44 3.11
C GLY B 211 -0.16 23.20 2.26
N VAL B 212 -0.84 22.10 2.57
CA VAL B 212 -0.66 20.89 1.80
C VAL B 212 -2.03 20.47 1.22
N TYR B 213 -2.02 20.00 -0.02
CA TYR B 213 -3.20 19.75 -0.85
C TYR B 213 -3.10 18.36 -1.44
N ALA B 214 -4.19 17.68 -1.68
CA ALA B 214 -4.13 16.39 -2.36
C ALA B 214 -3.81 16.70 -3.84
N ARG B 215 -2.86 16.00 -4.42
CA ARG B 215 -2.38 16.28 -5.79
C ARG B 215 -3.31 15.66 -6.79
N VAL B 216 -4.20 16.44 -7.42
CA VAL B 216 -5.23 15.83 -8.29
C VAL B 216 -4.67 14.99 -9.43
N THR B 217 -3.48 15.35 -9.97
CA THR B 217 -3.01 14.42 -11.05
C THR B 217 -2.70 13.04 -10.61
N ALA B 218 -2.28 12.93 -9.30
CA ALA B 218 -1.96 11.59 -8.82
C ALA B 218 -3.21 10.82 -8.55
N LEU B 219 -4.37 11.47 -8.44
CA LEU B 219 -5.63 10.81 -8.09
C LEU B 219 -6.69 10.83 -9.17
N VAL B 220 -6.42 11.58 -10.28
CA VAL B 220 -7.46 11.62 -11.37
C VAL B 220 -7.86 10.32 -11.93
N ASN B 221 -6.97 9.32 -12.07
CA ASN B 221 -7.50 8.05 -12.63
C ASN B 221 -8.49 7.41 -11.70
N TRP B 222 -8.21 7.49 -10.37
CA TRP B 222 -9.23 6.90 -9.46
C TRP B 222 -10.54 7.66 -9.63
N VAL B 223 -10.52 8.98 -9.71
CA VAL B 223 -11.78 9.74 -9.95
C VAL B 223 -12.50 9.25 -11.19
N GLN B 224 -11.76 9.15 -12.33
CA GLN B 224 -12.41 8.71 -13.58
C GLN B 224 -12.99 7.31 -13.45
N GLN B 225 -12.18 6.41 -12.87
CA GLN B 225 -12.67 5.04 -12.68
C GLN B 225 -13.91 5.01 -11.83
N THR B 226 -14.01 5.85 -10.78
CA THR B 226 -15.23 5.82 -9.97
C THR B 226 -16.43 6.39 -10.70
N LEU B 227 -16.22 7.47 -11.47
CA LEU B 227 -17.34 8.06 -12.25
C LEU B 227 -17.80 7.02 -13.27
N ALA B 228 -16.92 6.34 -13.98
CA ALA B 228 -17.36 5.36 -14.97
C ALA B 228 -18.19 4.24 -14.39
N ALA B 229 -17.81 3.78 -13.20
CA ALA B 229 -18.53 2.65 -12.60
C ALA B 229 -19.78 3.04 -11.89
N ASN B 230 -20.04 4.33 -11.63
CA ASN B 230 -21.20 4.66 -10.82
C ASN B 230 -22.08 5.72 -11.46
N CYS C 1 -4.82 -26.63 -3.19
CA CYS C 1 -3.56 -26.17 -2.67
C CYS C 1 -3.73 -25.10 -1.63
N GLY C 2 -2.76 -24.99 -0.72
CA GLY C 2 -2.65 -23.89 0.19
C GLY C 2 -3.74 -23.78 1.23
N VAL C 3 -4.51 -24.85 1.36
CA VAL C 3 -5.50 -24.50 2.49
C VAL C 3 -4.69 -25.33 3.34
N PRO C 4 -4.58 -25.88 4.54
CA PRO C 4 -4.22 -27.12 5.20
C PRO C 4 -5.43 -27.86 5.90
N ALA C 5 -5.64 -29.14 5.86
CA ALA C 5 -6.72 -29.79 6.57
C ALA C 5 -6.60 -29.54 8.07
N ILE C 6 -5.40 -29.34 8.64
CA ILE C 6 -5.21 -29.12 10.06
C ILE C 6 -4.88 -27.67 10.16
N GLN C 7 -5.75 -26.86 10.76
CA GLN C 7 -5.48 -25.44 10.79
C GLN C 7 -4.31 -25.03 11.65
N PRO C 8 -3.46 -24.16 11.13
CA PRO C 8 -2.32 -23.63 11.82
C PRO C 8 -2.81 -22.69 12.91
N VAL C 9 -2.08 -22.50 13.98
CA VAL C 9 -2.39 -21.55 15.03
C VAL C 9 -1.11 -20.79 15.30
N LEU C 10 -1.10 -19.50 15.15
CA LEU C 10 0.09 -18.69 15.31
C LEU C 10 -0.02 -17.60 16.42
N SER C 11 0.96 -17.32 17.16
CA SER C 11 0.74 -16.20 18.04
C SER C 11 0.61 -14.87 17.30
N GLY C 12 1.47 -14.69 16.28
CA GLY C 12 1.79 -13.45 15.66
C GLY C 12 0.92 -13.17 14.46
N LEU C 13 -0.21 -13.81 14.49
CA LEU C 13 -1.22 -13.71 13.45
C LEU C 13 -2.32 -14.70 13.78
N ILE D 1 14.82 -21.62 12.84
CA ILE D 1 14.22 -20.30 13.14
C ILE D 1 14.54 -19.86 14.56
N VAL D 2 15.00 -18.66 14.75
CA VAL D 2 15.30 -18.13 16.04
C VAL D 2 14.07 -17.40 16.61
N ASN D 3 13.70 -17.65 17.85
CA ASN D 3 12.55 -17.05 18.50
C ASN D 3 11.22 -17.42 17.81
N GLY D 4 11.08 -18.59 17.26
CA GLY D 4 9.83 -19.03 16.63
C GLY D 4 9.01 -19.77 17.71
N GLU D 5 8.06 -20.61 17.36
CA GLU D 5 7.29 -21.36 18.35
C GLU D 5 6.98 -22.67 17.65
N GLU D 6 6.61 -23.70 18.39
CA GLU D 6 6.37 -24.96 17.75
C GLU D 6 5.07 -24.82 16.90
N ALA D 7 5.03 -25.55 15.78
CA ALA D 7 3.84 -25.49 14.99
C ALA D 7 2.85 -26.51 15.59
N VAL D 8 1.57 -26.38 15.22
CA VAL D 8 0.62 -27.45 15.44
C VAL D 8 1.05 -28.53 14.45
N PRO D 9 1.11 -29.77 14.90
CA PRO D 9 1.53 -30.90 14.10
C PRO D 9 0.65 -31.08 12.88
N GLY D 10 1.28 -31.23 11.72
CA GLY D 10 0.58 -31.44 10.46
C GLY D 10 -0.05 -30.18 9.90
N SER D 11 0.07 -29.01 10.49
CA SER D 11 -0.58 -27.80 10.02
C SER D 11 0.12 -27.06 8.90
N TRP D 12 1.31 -27.58 8.46
CA TRP D 12 2.04 -26.98 7.33
C TRP D 12 2.39 -28.14 6.44
N PRO D 13 1.41 -28.75 5.83
CA PRO D 13 1.43 -29.98 5.14
C PRO D 13 2.29 -30.04 3.89
N TRP D 14 2.68 -28.91 3.36
CA TRP D 14 3.59 -28.91 2.22
C TRP D 14 5.07 -28.91 2.71
N GLN D 15 5.35 -28.63 3.95
CA GLN D 15 6.71 -28.56 4.45
C GLN D 15 7.34 -29.96 4.44
N VAL D 16 8.49 -30.02 3.74
CA VAL D 16 9.19 -31.29 3.69
C VAL D 16 10.60 -31.03 4.26
N SER D 17 11.26 -32.13 4.61
CA SER D 17 12.61 -32.11 5.14
C SER D 17 13.51 -32.87 4.12
N LEU D 18 14.64 -32.26 3.84
CA LEU D 18 15.62 -32.93 2.94
C LEU D 18 16.74 -33.56 3.83
N GLN D 19 16.91 -34.83 3.77
CA GLN D 19 17.85 -35.52 4.69
C GLN D 19 18.85 -36.39 3.91
N ASP D 20 20.00 -36.74 4.52
CA ASP D 20 20.87 -37.71 3.84
C ASP D 20 20.29 -39.08 4.21
N LYS D 21 20.90 -40.22 3.87
CA LYS D 21 20.28 -41.49 4.19
C LYS D 21 20.39 -41.96 5.63
N THR D 22 21.05 -41.20 6.52
CA THR D 22 21.02 -41.53 7.92
C THR D 22 20.03 -40.64 8.67
N GLY D 23 19.09 -39.96 7.98
CA GLY D 23 18.16 -39.10 8.67
C GLY D 23 18.68 -37.75 9.09
N PHE D 24 19.83 -37.30 8.64
CA PHE D 24 20.34 -35.99 9.00
C PHE D 24 19.69 -34.89 8.12
N HIS D 25 18.92 -34.04 8.75
CA HIS D 25 18.17 -32.95 8.09
C HIS D 25 19.14 -31.85 7.69
N PHE D 26 19.14 -31.43 6.42
CA PHE D 26 20.06 -30.28 6.16
C PHE D 26 19.31 -29.11 5.48
N CYS D 27 18.11 -29.31 4.94
CA CYS D 27 17.39 -28.18 4.35
C CYS D 27 15.87 -28.48 4.38
N GLY D 28 15.05 -27.46 4.14
CA GLY D 28 13.60 -27.69 4.02
C GLY D 28 13.27 -27.71 2.51
N GLY D 29 11.98 -27.78 2.21
CA GLY D 29 11.47 -27.71 0.85
C GLY D 29 9.93 -27.57 0.93
N SER D 30 9.27 -27.41 -0.20
CA SER D 30 7.77 -27.38 -0.15
C SER D 30 7.26 -28.22 -1.31
N LEU D 31 6.28 -29.06 -1.07
CA LEU D 31 5.59 -29.75 -2.11
C LEU D 31 4.72 -28.77 -2.93
N ILE D 32 4.83 -28.81 -4.25
CA ILE D 32 3.99 -27.93 -5.08
C ILE D 32 2.98 -28.78 -5.82
N ASN D 33 3.12 -30.09 -5.73
CA ASN D 33 2.14 -31.02 -6.25
C ASN D 33 2.63 -32.38 -5.83
N GLU D 34 2.02 -33.47 -6.22
CA GLU D 34 2.45 -34.78 -5.82
C GLU D 34 3.86 -35.19 -6.27
N ASN D 35 4.42 -34.61 -7.34
CA ASN D 35 5.66 -35.16 -7.86
C ASN D 35 6.85 -34.25 -7.71
N TRP D 36 6.61 -33.04 -7.24
CA TRP D 36 7.67 -32.01 -7.28
C TRP D 36 7.79 -31.26 -5.97
N VAL D 37 9.04 -30.93 -5.65
CA VAL D 37 9.32 -30.17 -4.43
C VAL D 37 10.14 -29.00 -4.85
N VAL D 38 9.99 -27.84 -4.26
CA VAL D 38 10.81 -26.70 -4.58
C VAL D 38 11.71 -26.45 -3.39
N THR D 39 13.01 -26.18 -3.56
CA THR D 39 13.92 -25.96 -2.47
C THR D 39 14.93 -24.95 -2.95
N ALA D 40 15.96 -24.65 -2.19
CA ALA D 40 16.95 -23.65 -2.48
C ALA D 40 18.13 -24.31 -3.25
N ALA D 41 18.70 -23.54 -4.18
CA ALA D 41 19.82 -24.16 -4.97
C ALA D 41 21.06 -24.31 -4.10
N HIS D 42 21.30 -23.47 -3.13
CA HIS D 42 22.48 -23.61 -2.29
C HIS D 42 22.41 -24.83 -1.36
N CYS D 43 21.29 -25.56 -1.24
CA CYS D 43 21.28 -26.75 -0.38
C CYS D 43 22.17 -27.85 -0.94
N GLY D 44 22.42 -27.83 -2.28
CA GLY D 44 23.26 -28.81 -2.92
C GLY D 44 22.70 -30.19 -2.93
N VAL D 45 21.37 -30.30 -3.12
CA VAL D 45 20.74 -31.60 -3.11
C VAL D 45 21.16 -32.49 -4.22
N THR D 46 21.24 -33.81 -4.00
CA THR D 46 21.60 -34.74 -5.02
C THR D 46 20.52 -35.80 -5.00
N THR D 47 20.63 -36.74 -5.92
CA THR D 47 19.71 -37.83 -6.02
C THR D 47 19.98 -38.91 -4.99
N SER D 48 21.00 -38.76 -4.18
CA SER D 48 21.13 -39.71 -3.05
C SER D 48 20.38 -39.22 -1.81
N ASP D 49 19.96 -37.94 -1.81
CA ASP D 49 19.23 -37.37 -0.66
C ASP D 49 17.78 -37.80 -0.71
N VAL D 50 17.05 -37.69 0.39
CA VAL D 50 15.67 -38.14 0.45
C VAL D 50 14.78 -37.00 0.98
N VAL D 51 13.55 -37.02 0.46
CA VAL D 51 12.56 -36.04 0.86
C VAL D 51 11.65 -36.68 1.89
N VAL D 52 11.48 -36.01 3.02
CA VAL D 52 10.58 -36.66 3.99
C VAL D 52 9.37 -35.74 4.14
N ALA D 53 8.20 -36.30 3.94
CA ALA D 53 6.95 -35.51 4.07
C ALA D 53 6.10 -36.03 5.21
N GLY D 54 5.34 -35.15 5.82
CA GLY D 54 4.39 -35.58 6.86
C GLY D 54 5.03 -35.61 8.23
N GLU D 55 6.26 -35.11 8.34
CA GLU D 55 6.96 -35.15 9.61
C GLU D 55 6.67 -33.95 10.45
N PHE D 56 6.65 -34.15 11.78
CA PHE D 56 6.58 -33.02 12.71
C PHE D 56 7.81 -33.05 13.64
N ASP D 57 7.99 -34.17 14.36
CA ASP D 57 9.03 -34.28 15.39
C ASP D 57 10.08 -35.22 14.83
N GLN D 58 11.21 -34.66 14.47
CA GLN D 58 12.22 -35.54 13.86
C GLN D 58 12.90 -36.46 14.88
N GLY D 59 12.71 -36.30 16.16
CA GLY D 59 13.24 -37.19 17.20
C GLY D 59 12.21 -38.29 17.44
N SER D 60 11.05 -38.33 16.76
CA SER D 60 10.15 -39.41 17.01
C SER D 60 10.20 -40.42 15.91
N SER D 61 10.06 -41.73 16.10
CA SER D 61 10.13 -42.67 15.01
C SER D 61 8.74 -43.33 14.94
N SER D 62 7.77 -42.67 15.59
CA SER D 62 6.44 -43.30 15.52
C SER D 62 5.46 -42.57 14.61
N GLU D 63 5.84 -41.44 14.05
CA GLU D 63 4.98 -40.68 13.15
C GLU D 63 4.88 -41.39 11.82
N LYS D 64 3.74 -41.24 11.18
CA LYS D 64 3.52 -41.80 9.85
C LYS D 64 4.11 -40.81 8.86
N ILE D 65 5.22 -41.10 8.25
CA ILE D 65 5.94 -40.22 7.37
C ILE D 65 6.04 -40.89 6.01
N GLN D 66 6.46 -40.11 5.03
CA GLN D 66 6.73 -40.64 3.69
C GLN D 66 8.15 -40.19 3.32
N LYS D 67 8.98 -41.12 2.99
CA LYS D 67 10.40 -40.92 2.68
C LYS D 67 10.40 -41.08 1.15
N LEU D 68 10.63 -39.99 0.42
CA LEU D 68 10.46 -40.14 -1.02
C LEU D 68 11.81 -40.01 -1.68
N LYS D 69 12.09 -40.80 -2.70
CA LYS D 69 13.32 -40.69 -3.44
C LYS D 69 13.26 -39.61 -4.51
N ILE D 70 14.40 -39.03 -4.83
CA ILE D 70 14.52 -37.99 -5.82
C ILE D 70 14.90 -38.58 -7.16
N ALA D 71 14.12 -38.32 -8.21
CA ALA D 71 14.47 -38.90 -9.52
C ALA D 71 15.42 -37.93 -10.23
N LYS D 72 15.18 -36.63 -10.07
CA LYS D 72 16.04 -35.69 -10.79
C LYS D 72 16.06 -34.34 -10.14
N VAL D 73 17.20 -33.68 -10.21
CA VAL D 73 17.44 -32.38 -9.62
C VAL D 73 17.52 -31.36 -10.74
N PHE D 74 16.76 -30.27 -10.64
CA PHE D 74 16.80 -29.21 -11.65
C PHE D 74 17.18 -27.94 -10.95
N LYS D 75 18.46 -27.57 -11.05
CA LYS D 75 18.94 -26.36 -10.40
C LYS D 75 18.79 -25.21 -11.39
N ASN D 76 18.40 -24.03 -11.00
CA ASN D 76 18.26 -22.93 -11.93
C ASN D 76 19.65 -22.59 -12.47
N SER D 77 19.78 -22.42 -13.79
CA SER D 77 21.10 -22.20 -14.41
C SER D 77 21.58 -20.81 -14.13
N LYS D 78 20.72 -19.92 -13.62
CA LYS D 78 21.24 -18.60 -13.27
C LYS D 78 21.62 -18.56 -11.82
N TYR D 79 21.43 -19.63 -11.06
CA TYR D 79 21.89 -19.49 -9.64
C TYR D 79 23.36 -19.06 -9.65
N ASN D 80 23.80 -18.25 -8.73
CA ASN D 80 25.19 -17.89 -8.60
C ASN D 80 25.56 -18.08 -7.16
N SER D 81 26.59 -18.83 -6.79
CA SER D 81 26.91 -19.07 -5.38
C SER D 81 27.58 -17.94 -4.70
N LEU D 82 27.98 -16.88 -5.39
CA LEU D 82 28.58 -15.76 -4.69
C LEU D 82 27.45 -14.77 -4.32
N THR D 83 26.67 -14.36 -5.32
CA THR D 83 25.64 -13.34 -4.99
C THR D 83 24.45 -14.02 -4.28
N ILE D 84 24.28 -15.32 -4.51
CA ILE D 84 23.27 -16.17 -3.95
C ILE D 84 21.92 -15.77 -4.58
N ASN D 85 21.97 -15.26 -5.80
CA ASN D 85 20.78 -14.87 -6.56
C ASN D 85 20.20 -16.02 -7.28
N ASN D 86 18.85 -16.06 -7.48
CA ASN D 86 18.22 -17.18 -8.16
C ASN D 86 18.44 -18.49 -7.42
N ASP D 87 18.30 -18.43 -6.11
CA ASP D 87 18.53 -19.59 -5.22
C ASP D 87 17.35 -20.54 -5.22
N ILE D 88 17.16 -21.35 -6.24
CA ILE D 88 16.00 -22.22 -6.25
C ILE D 88 16.36 -23.46 -7.02
N THR D 89 15.85 -24.60 -6.60
CA THR D 89 16.02 -25.83 -7.31
C THR D 89 14.73 -26.61 -7.30
N LEU D 90 14.41 -27.43 -8.26
CA LEU D 90 13.20 -28.20 -8.24
C LEU D 90 13.61 -29.67 -8.18
N LEU D 91 12.86 -30.48 -7.45
CA LEU D 91 13.17 -31.87 -7.33
C LEU D 91 12.01 -32.61 -7.91
N LYS D 92 12.26 -33.51 -8.86
CA LYS D 92 11.16 -34.34 -9.33
C LYS D 92 11.27 -35.64 -8.55
N LEU D 93 10.22 -36.11 -7.93
CA LEU D 93 10.30 -37.30 -7.13
C LEU D 93 10.19 -38.54 -8.02
N SER D 94 10.82 -39.64 -7.63
CA SER D 94 10.58 -40.84 -8.45
C SER D 94 9.29 -41.47 -7.95
N THR D 95 8.92 -41.29 -6.70
CA THR D 95 7.59 -41.79 -6.28
C THR D 95 6.73 -40.60 -5.85
N ALA D 96 5.49 -40.53 -6.34
CA ALA D 96 4.62 -39.42 -5.99
C ALA D 96 4.27 -39.45 -4.51
N ALA D 97 4.27 -38.33 -3.82
CA ALA D 97 3.71 -38.27 -2.46
C ALA D 97 2.23 -38.67 -2.47
N SER D 98 1.63 -39.23 -1.41
CA SER D 98 0.21 -39.48 -1.30
C SER D 98 -0.39 -38.34 -0.43
N PHE D 99 -1.25 -37.51 -1.04
CA PHE D 99 -1.77 -36.38 -0.25
C PHE D 99 -2.70 -36.94 0.83
N SER D 100 -2.71 -36.31 1.98
CA SER D 100 -3.53 -36.76 3.08
C SER D 100 -3.76 -35.54 3.95
N GLN D 101 -4.20 -35.69 5.19
CA GLN D 101 -4.37 -34.56 6.08
C GLN D 101 -3.04 -33.84 6.32
N THR D 102 -1.95 -34.60 6.49
CA THR D 102 -0.71 -33.95 6.89
C THR D 102 0.23 -33.73 5.74
N VAL D 103 -0.15 -34.15 4.54
CA VAL D 103 0.70 -34.01 3.35
C VAL D 103 -0.09 -33.40 2.18
N SER D 104 0.25 -32.20 1.72
CA SER D 104 -0.47 -31.63 0.58
C SER D 104 0.34 -30.44 0.10
N ALA D 105 -0.13 -29.78 -0.95
CA ALA D 105 0.64 -28.76 -1.62
C ALA D 105 0.41 -27.33 -1.31
N VAL D 106 1.43 -26.50 -1.44
CA VAL D 106 1.32 -25.08 -1.23
C VAL D 106 0.95 -24.45 -2.60
N CYS D 107 0.31 -23.27 -2.68
CA CYS D 107 -0.02 -22.74 -4.01
C CYS D 107 1.15 -21.90 -4.51
N LEU D 108 1.38 -21.93 -5.82
CA LEU D 108 2.43 -20.99 -6.36
C LEU D 108 1.72 -19.69 -6.77
N PRO D 109 2.33 -18.55 -6.71
CA PRO D 109 1.78 -17.28 -7.08
C PRO D 109 1.88 -17.15 -8.61
N SER D 110 1.23 -16.12 -9.13
CA SER D 110 1.34 -15.97 -10.60
C SER D 110 2.41 -14.89 -10.65
N ALA D 111 3.13 -14.81 -11.78
CA ALA D 111 4.22 -13.81 -11.86
C ALA D 111 3.81 -12.40 -11.64
N SER D 112 2.56 -12.00 -11.82
CA SER D 112 2.12 -10.63 -11.57
C SER D 112 1.51 -10.46 -10.19
N ASP D 113 1.50 -11.49 -9.33
CA ASP D 113 0.99 -11.27 -7.97
C ASP D 113 1.82 -10.21 -7.24
N ASP D 114 1.21 -9.37 -6.41
CA ASP D 114 1.92 -8.35 -5.65
C ASP D 114 1.72 -8.70 -4.17
N PHE D 115 2.73 -8.56 -3.35
CA PHE D 115 2.55 -8.87 -1.93
C PHE D 115 3.04 -7.59 -1.29
N ALA D 116 2.20 -6.83 -0.60
CA ALA D 116 2.70 -5.55 -0.10
C ALA D 116 3.62 -5.67 1.08
N ALA D 117 4.50 -4.70 1.19
CA ALA D 117 5.41 -4.53 2.28
C ALA D 117 4.58 -4.36 3.54
N GLY D 118 5.00 -4.97 4.65
CA GLY D 118 4.26 -4.85 5.92
C GLY D 118 3.29 -6.03 6.07
N THR D 119 2.88 -6.73 5.04
CA THR D 119 2.06 -7.89 5.20
C THR D 119 2.77 -8.89 6.14
N THR D 120 1.99 -9.52 7.00
CA THR D 120 2.52 -10.52 7.93
C THR D 120 2.40 -11.87 7.29
N CYS D 121 3.57 -12.54 7.05
CA CYS D 121 3.52 -13.84 6.44
C CYS D 121 4.15 -14.83 7.44
N VAL D 122 4.36 -16.08 7.05
CA VAL D 122 4.87 -17.08 7.94
C VAL D 122 6.07 -17.82 7.27
N THR D 123 7.06 -18.19 8.09
CA THR D 123 8.11 -19.09 7.57
C THR D 123 8.23 -20.27 8.51
N THR D 124 8.49 -21.47 8.01
CA THR D 124 8.60 -22.63 8.85
C THR D 124 9.90 -23.40 8.59
N GLY D 125 10.24 -24.28 9.54
CA GLY D 125 11.38 -25.18 9.26
C GLY D 125 11.98 -25.72 10.57
N TRP D 126 12.96 -26.64 10.34
CA TRP D 126 13.75 -27.20 11.43
C TRP D 126 15.17 -26.64 11.45
N GLY D 127 15.35 -25.38 11.08
CA GLY D 127 16.63 -24.74 11.15
C GLY D 127 17.05 -24.52 12.59
N LEU D 128 18.33 -24.09 12.82
CA LEU D 128 18.76 -23.82 14.18
C LEU D 128 17.83 -22.82 14.85
N THR D 129 17.70 -22.98 16.17
CA THR D 129 16.92 -21.98 16.95
C THR D 129 17.83 -21.02 17.65
N ARG D 130 19.14 -21.22 17.49
CA ARG D 130 20.17 -20.31 18.00
C ARG D 130 21.41 -20.57 17.15
N TYR D 131 22.09 -19.54 16.72
CA TYR D 131 23.22 -19.83 15.83
C TYR D 131 24.34 -20.64 16.49
N THR D 132 24.48 -20.58 17.80
CA THR D 132 25.49 -21.36 18.51
C THR D 132 25.05 -22.77 18.82
N ASN D 133 23.77 -23.13 18.59
CA ASN D 133 23.30 -24.47 18.86
C ASN D 133 24.04 -25.48 17.99
N ALA D 134 24.14 -26.66 18.56
CA ALA D 134 24.84 -27.73 17.84
C ALA D 134 23.90 -28.45 16.89
N ASN D 135 22.67 -28.70 17.36
CA ASN D 135 21.73 -29.49 16.62
C ASN D 135 20.50 -28.68 16.18
N THR D 136 19.86 -29.16 15.14
CA THR D 136 18.62 -28.49 14.71
C THR D 136 17.58 -28.99 15.70
N PRO D 137 16.52 -28.25 15.89
CA PRO D 137 15.47 -28.66 16.84
C PRO D 137 14.72 -29.86 16.32
N ASP D 138 14.15 -30.71 17.15
CA ASP D 138 13.40 -31.85 16.68
C ASP D 138 12.05 -31.46 16.05
N ARG D 139 11.36 -30.55 16.72
CA ARG D 139 9.98 -30.26 16.26
C ARG D 139 9.90 -29.02 15.38
N LEU D 140 9.03 -29.13 14.40
CA LEU D 140 8.82 -28.09 13.39
C LEU D 140 8.49 -26.77 14.00
N GLN D 141 9.28 -25.73 13.72
CA GLN D 141 9.14 -24.40 14.17
C GLN D 141 8.42 -23.50 13.11
N GLN D 142 7.83 -22.37 13.60
CA GLN D 142 7.11 -21.48 12.72
C GLN D 142 7.31 -20.12 13.32
N ALA D 143 7.28 -19.09 12.52
CA ALA D 143 7.37 -17.73 12.95
C ALA D 143 6.45 -16.87 12.05
N SER D 144 5.86 -15.80 12.63
CA SER D 144 5.14 -14.86 11.76
C SER D 144 6.18 -13.76 11.55
N LEU D 145 6.12 -13.07 10.44
CA LEU D 145 7.08 -11.95 10.22
C LEU D 145 6.59 -11.15 8.99
N PRO D 146 6.84 -9.86 9.01
CA PRO D 146 6.46 -8.96 7.97
C PRO D 146 7.41 -8.95 6.75
N LEU D 147 6.85 -8.76 5.56
CA LEU D 147 7.61 -8.57 4.37
C LEU D 147 8.21 -7.15 4.37
N LEU D 148 9.39 -6.95 3.83
CA LEU D 148 9.94 -5.61 3.73
C LEU D 148 9.95 -5.28 2.23
N SER D 149 10.02 -3.99 1.88
CA SER D 149 10.17 -3.67 0.45
C SER D 149 11.68 -3.85 0.14
N ASN D 150 12.06 -4.08 -1.10
CA ASN D 150 13.51 -4.18 -1.42
C ASN D 150 14.21 -2.89 -1.04
N THR D 151 13.60 -1.71 -1.21
CA THR D 151 14.23 -0.46 -0.80
C THR D 151 14.59 -0.42 0.67
N ASN D 152 13.68 -0.78 1.56
CA ASN D 152 13.99 -0.80 3.00
C ASN D 152 15.00 -1.91 3.31
N CYS D 153 14.89 -3.06 2.62
CA CYS D 153 15.87 -4.14 2.89
C CYS D 153 17.26 -3.66 2.53
N LYS D 154 17.44 -2.84 1.50
CA LYS D 154 18.75 -2.31 1.13
C LYS D 154 19.38 -1.47 2.22
N LYS D 155 18.60 -0.95 3.18
CA LYS D 155 19.14 -0.20 4.29
C LYS D 155 20.00 -1.13 5.11
N TYR D 156 19.61 -2.41 5.23
CA TYR D 156 20.44 -3.31 6.00
C TYR D 156 21.46 -4.02 5.09
N TRP D 157 21.12 -4.37 3.86
CA TRP D 157 22.00 -5.22 3.10
C TRP D 157 22.65 -4.57 1.88
N GLY D 158 22.39 -3.31 1.60
CA GLY D 158 22.96 -2.66 0.45
C GLY D 158 22.64 -3.29 -0.88
N THR D 159 23.60 -3.34 -1.80
CA THR D 159 23.48 -3.84 -3.16
C THR D 159 23.49 -5.34 -3.30
N LYS D 160 23.65 -6.05 -2.19
CA LYS D 160 23.49 -7.51 -2.16
C LYS D 160 22.04 -7.88 -2.44
N ILE D 161 21.09 -6.96 -2.19
CA ILE D 161 19.71 -7.31 -2.48
C ILE D 161 19.43 -7.15 -3.95
N LYS D 162 19.02 -8.23 -4.63
CA LYS D 162 18.68 -8.19 -6.02
C LYS D 162 17.19 -8.34 -6.30
N ASP D 163 16.81 -8.19 -7.56
CA ASP D 163 15.42 -8.28 -7.96
C ASP D 163 14.80 -9.63 -7.68
N ALA D 164 15.51 -10.74 -7.76
CA ALA D 164 14.92 -12.05 -7.48
C ALA D 164 14.98 -12.47 -6.00
N MET D 165 15.13 -11.52 -5.08
CA MET D 165 15.17 -11.70 -3.67
C MET D 165 14.00 -10.91 -3.01
N ILE D 166 13.55 -11.36 -1.86
CA ILE D 166 12.59 -10.49 -1.10
C ILE D 166 12.92 -10.60 0.35
N CYS D 167 12.96 -9.58 1.18
CA CYS D 167 13.34 -9.73 2.55
C CYS D 167 12.10 -9.83 3.47
N ALA D 168 12.27 -10.41 4.64
CA ALA D 168 11.18 -10.52 5.61
C ALA D 168 11.78 -10.55 7.00
N GLY D 169 11.18 -10.02 8.04
CA GLY D 169 11.73 -10.22 9.39
C GLY D 169 12.21 -8.91 9.95
N ALA D 170 13.32 -8.99 10.66
CA ALA D 170 13.96 -7.97 11.45
C ALA D 170 12.97 -7.56 12.54
N SER D 171 12.14 -8.51 12.98
CA SER D 171 11.05 -8.26 13.89
C SER D 171 11.08 -9.15 15.13
N GLY D 172 12.34 -9.51 15.51
CA GLY D 172 12.46 -10.30 16.72
C GLY D 172 12.49 -11.78 16.42
N VAL D 173 12.52 -12.17 15.14
CA VAL D 173 12.56 -13.60 14.81
C VAL D 173 13.49 -13.74 13.60
N SER D 174 13.94 -14.95 13.25
CA SER D 174 14.76 -15.01 12.03
C SER D 174 14.92 -16.43 11.57
N SER D 175 14.96 -16.57 10.26
CA SER D 175 15.32 -17.85 9.64
C SER D 175 16.81 -18.06 10.02
N CYS D 176 17.22 -19.32 10.03
CA CYS D 176 18.62 -19.61 10.35
C CYS D 176 19.09 -20.82 9.55
N MET D 177 20.37 -21.17 9.68
CA MET D 177 20.95 -22.34 8.99
C MET D 177 20.08 -23.54 9.21
N GLY D 178 19.79 -24.27 8.16
CA GLY D 178 18.97 -25.44 8.09
C GLY D 178 17.50 -25.06 7.76
N ASP D 179 17.14 -23.77 7.83
CA ASP D 179 15.76 -23.41 7.37
C ASP D 179 15.73 -23.29 5.84
N SER D 180 16.93 -23.14 5.22
CA SER D 180 16.96 -22.94 3.77
C SER D 180 16.20 -23.92 2.93
N GLY D 181 15.61 -23.30 1.87
CA GLY D 181 14.82 -24.14 0.94
C GLY D 181 13.34 -24.16 1.43
N GLY D 182 13.09 -23.86 2.71
CA GLY D 182 11.69 -24.06 3.16
C GLY D 182 10.86 -22.84 2.74
N PRO D 183 9.61 -22.78 3.16
CA PRO D 183 8.70 -21.74 2.68
C PRO D 183 8.64 -20.49 3.46
N LEU D 184 8.41 -19.39 2.75
CA LEU D 184 7.93 -18.11 3.22
C LEU D 184 6.51 -18.00 2.53
N VAL D 185 5.46 -18.18 3.32
CA VAL D 185 4.11 -18.25 2.79
C VAL D 185 3.28 -17.05 3.26
N CYS D 186 2.40 -16.60 2.34
CA CYS D 186 1.51 -15.49 2.60
C CYS D 186 0.13 -15.90 2.06
N LYS D 187 -0.91 -15.40 2.70
CA LYS D 187 -2.28 -15.69 2.22
C LYS D 187 -2.65 -14.92 0.96
N LYS D 188 -3.10 -15.50 -0.11
CA LYS D 188 -3.45 -14.72 -1.29
C LYS D 188 -4.77 -15.38 -1.74
N ASN D 189 -5.81 -14.55 -1.70
CA ASN D 189 -7.17 -15.00 -2.05
C ASN D 189 -7.62 -16.17 -1.19
N GLY D 190 -7.42 -16.11 0.12
CA GLY D 190 -7.77 -17.20 1.00
C GLY D 190 -6.83 -18.39 1.08
N ALA D 191 -5.73 -18.44 0.29
CA ALA D 191 -4.91 -19.67 0.37
C ALA D 191 -3.43 -19.33 0.58
N TRP D 192 -2.76 -20.25 1.30
CA TRP D 192 -1.36 -19.92 1.63
C TRP D 192 -0.59 -20.09 0.32
N THR D 193 0.18 -19.06 -0.01
CA THR D 193 0.85 -19.28 -1.31
C THR D 193 2.31 -18.88 -1.13
N LEU D 194 3.13 -19.59 -1.87
CA LEU D 194 4.60 -19.47 -1.68
C LEU D 194 5.13 -18.18 -2.26
N VAL D 195 5.62 -17.30 -1.44
CA VAL D 195 6.15 -16.03 -1.81
C VAL D 195 7.66 -16.00 -1.78
N GLY D 196 8.23 -16.83 -0.91
CA GLY D 196 9.71 -16.77 -0.72
C GLY D 196 10.24 -18.17 -0.40
N ILE D 197 11.51 -18.38 -0.75
CA ILE D 197 12.23 -19.66 -0.46
C ILE D 197 13.35 -19.29 0.48
N VAL D 198 13.45 -19.82 1.69
CA VAL D 198 14.47 -19.33 2.63
C VAL D 198 15.84 -19.48 1.91
N SER D 199 16.58 -18.39 1.94
CA SER D 199 17.79 -18.33 1.15
C SER D 199 18.99 -17.91 1.95
N TRP D 200 19.17 -16.76 2.49
CA TRP D 200 20.39 -16.41 3.18
C TRP D 200 20.11 -15.33 4.17
N GLY D 201 21.10 -15.03 4.98
CA GLY D 201 20.99 -13.94 5.95
C GLY D 201 22.32 -13.88 6.72
N SER D 202 22.29 -13.13 7.81
CA SER D 202 23.42 -13.02 8.73
C SER D 202 23.77 -14.37 9.30
N SER D 203 25.05 -14.61 9.53
CA SER D 203 25.50 -15.90 10.08
C SER D 203 25.32 -15.93 11.59
N THR D 204 24.92 -14.81 12.21
CA THR D 204 24.51 -14.93 13.65
C THR D 204 22.98 -15.05 13.73
N CYS D 205 22.27 -15.12 12.59
CA CYS D 205 20.82 -15.20 12.58
C CYS D 205 20.18 -14.11 13.47
N SER D 206 20.72 -12.92 13.43
CA SER D 206 20.29 -11.81 14.27
C SER D 206 18.82 -11.49 13.95
N THR D 207 18.03 -11.38 15.00
CA THR D 207 16.61 -11.14 14.90
C THR D 207 16.28 -9.68 14.66
N SER D 208 17.28 -8.79 14.60
CA SER D 208 16.94 -7.41 14.25
C SER D 208 17.44 -7.16 12.84
N THR D 209 17.79 -8.21 12.09
CA THR D 209 18.24 -8.05 10.72
C THR D 209 17.32 -8.96 9.92
N PRO D 210 16.88 -8.56 8.77
CA PRO D 210 16.01 -9.30 7.95
C PRO D 210 16.69 -10.51 7.28
N GLY D 211 15.93 -11.56 7.06
CA GLY D 211 16.29 -12.75 6.35
C GLY D 211 16.05 -12.42 4.88
N VAL D 212 16.77 -13.10 3.99
CA VAL D 212 16.58 -12.86 2.55
C VAL D 212 16.11 -14.14 1.94
N TYR D 213 15.07 -14.08 1.12
CA TYR D 213 14.38 -15.20 0.53
C TYR D 213 14.44 -15.12 -1.00
N ALA D 214 14.33 -16.20 -1.72
CA ALA D 214 14.29 -16.12 -3.18
C ALA D 214 12.80 -15.71 -3.49
N ARG D 215 12.67 -14.70 -4.33
CA ARG D 215 11.34 -14.11 -4.64
C ARG D 215 10.66 -14.95 -5.66
N VAL D 216 9.66 -15.70 -5.20
CA VAL D 216 9.10 -16.68 -6.07
C VAL D 216 8.37 -16.04 -7.29
N THR D 217 7.80 -14.83 -7.12
CA THR D 217 7.16 -14.28 -8.36
C THR D 217 8.18 -14.05 -9.50
N ALA D 218 9.41 -13.73 -9.19
CA ALA D 218 10.45 -13.52 -10.17
C ALA D 218 10.91 -14.85 -10.74
N LEU D 219 10.53 -16.02 -10.20
CA LEU D 219 11.08 -17.27 -10.65
C LEU D 219 9.99 -18.18 -11.03
N VAL D 220 8.68 -17.85 -10.86
CA VAL D 220 7.68 -18.91 -11.15
C VAL D 220 7.61 -19.30 -12.60
N ASN D 221 7.89 -18.37 -13.52
CA ASN D 221 7.86 -18.77 -14.95
C ASN D 221 8.93 -19.82 -15.24
N TRP D 222 10.13 -19.70 -14.62
CA TRP D 222 11.12 -20.83 -14.82
C TRP D 222 10.55 -22.07 -14.24
N VAL D 223 9.91 -21.93 -13.01
CA VAL D 223 9.32 -23.18 -12.45
C VAL D 223 8.36 -23.85 -13.37
N GLN D 224 7.39 -23.02 -13.89
CA GLN D 224 6.32 -23.59 -14.74
C GLN D 224 6.84 -24.18 -16.05
N GLN D 225 7.81 -23.50 -16.64
CA GLN D 225 8.47 -24.06 -17.83
C GLN D 225 9.16 -25.37 -17.50
N THR D 226 9.85 -25.47 -16.34
CA THR D 226 10.50 -26.77 -16.04
C THR D 226 9.52 -27.89 -15.81
N LEU D 227 8.44 -27.52 -15.08
CA LEU D 227 7.41 -28.55 -14.87
C LEU D 227 6.82 -28.97 -16.21
N ALA D 228 6.50 -28.01 -17.08
CA ALA D 228 5.86 -28.37 -18.36
C ALA D 228 6.74 -29.23 -19.27
N ALA D 229 8.06 -29.08 -19.22
CA ALA D 229 8.88 -29.88 -20.11
C ALA D 229 9.32 -31.18 -19.49
N ASN D 230 8.88 -31.57 -18.31
CA ASN D 230 9.48 -32.71 -17.63
C ASN D 230 8.52 -33.57 -16.86
N GLY E 2 -1.82 17.53 11.02
CA GLY E 2 -2.85 18.82 11.02
C GLY E 2 -4.23 18.76 10.07
N GLY E 3 -5.31 18.05 9.77
CA GLY E 3 -6.30 17.98 8.65
C GLY E 3 -7.31 19.09 8.64
N GLY F 2 26.25 -14.99 3.21
CA GLY F 2 25.61 -16.07 4.24
C GLY F 2 24.64 -17.31 3.75
N GLY F 3 24.61 -18.35 2.88
CA GLY F 3 23.51 -19.25 2.44
C GLY F 3 23.00 -19.92 3.73
#